data_1BRC
#
_entry.id   1BRC
#
_cell.length_a   93.100
_cell.length_b   93.100
_cell.length_c   62.500
_cell.angle_alpha   90.00
_cell.angle_beta   90.00
_cell.angle_gamma   120.00
#
_symmetry.space_group_name_H-M   'P 32 2 1'
#
loop_
_entity.id
_entity.type
_entity.pdbx_description
1 polymer TRYPSIN
2 polymer 'AMYLOID BETA-PROTEIN PRECURSOR INHIBITOR DOMAIN (APPI)'
3 water water
#
loop_
_entity_poly.entity_id
_entity_poly.type
_entity_poly.pdbx_seq_one_letter_code
_entity_poly.pdbx_strand_id
1 'polypeptide(L)'
;IVGGYTCQENSVPYQVSLNSGYHFCGGSLINDQWVVSAAHCYKSRIQVRLGEHNINVLEGNEQFVNAAKIIKHPNFDRKT
LNNDIMLIKLSSPVKLNARVATVALPSSCAPAGTQCLISGWGNTLSSGVNEPDLLQCLDAPLLPQADCEASYPGKITDNM
VCVGFLEGGKGSCQGDSGGPVVCNGELQGIVSWGYGCALPDNPDVYTKVCNYVDWIQDTIAAN
;
E
2 'polypeptide(L)' VREVCSEQAETGPCRAMISRWYFDVTEGKCAPFFYGGCGGNRNNFDTEEYCMAVCG I
#
# COMPACT_ATOMS: atom_id res chain seq x y z
N ILE A 1 -7.20 2.79 6.40
CA ILE A 1 -8.32 3.56 5.96
C ILE A 1 -8.83 4.35 7.15
N VAL A 2 -8.62 5.66 7.09
CA VAL A 2 -9.20 6.60 8.05
C VAL A 2 -10.57 6.98 7.49
N GLY A 3 -11.61 6.89 8.30
CA GLY A 3 -12.93 7.39 7.92
C GLY A 3 -13.78 6.52 7.02
N GLY A 4 -13.48 5.22 6.98
CA GLY A 4 -14.22 4.30 6.14
C GLY A 4 -15.15 3.43 6.94
N TYR A 5 -15.67 2.37 6.32
CA TYR A 5 -16.60 1.45 6.94
C TYR A 5 -16.08 0.04 6.79
N THR A 6 -16.48 -0.92 7.61
CA THR A 6 -16.04 -2.30 7.45
C THR A 6 -16.73 -2.79 6.19
N CYS A 7 -15.95 -3.45 5.33
CA CYS A 7 -16.50 -4.04 4.13
C CYS A 7 -17.34 -5.20 4.61
N GLN A 8 -18.44 -5.47 3.90
CA GLN A 8 -19.29 -6.62 4.14
C GLN A 8 -18.37 -7.82 3.87
N GLU A 9 -18.41 -8.90 4.64
CA GLU A 9 -17.46 -9.94 4.40
C GLU A 9 -17.59 -10.60 3.06
N ASN A 10 -16.37 -10.72 2.56
CA ASN A 10 -16.05 -11.31 1.29
C ASN A 10 -16.76 -10.61 0.14
N SER A 11 -16.85 -9.27 0.24
CA SER A 11 -17.33 -8.44 -0.83
C SER A 11 -16.13 -7.91 -1.60
N VAL A 12 -14.90 -7.91 -1.09
CA VAL A 12 -13.77 -7.47 -1.91
C VAL A 12 -12.89 -8.69 -2.21
N PRO A 13 -13.35 -9.66 -3.03
CA PRO A 13 -12.70 -10.98 -3.08
C PRO A 13 -11.34 -11.05 -3.74
N TYR A 14 -10.92 -9.97 -4.38
CA TYR A 14 -9.61 -9.86 -5.03
C TYR A 14 -8.55 -9.20 -4.11
N GLN A 15 -8.94 -8.70 -2.94
CA GLN A 15 -8.04 -8.09 -1.97
C GLN A 15 -7.14 -9.16 -1.39
N VAL A 16 -5.82 -8.96 -1.36
CA VAL A 16 -4.92 -9.90 -0.70
C VAL A 16 -4.12 -9.18 0.41
N SER A 17 -3.51 -9.91 1.34
CA SER A 17 -2.64 -9.34 2.36
C SER A 17 -1.23 -9.85 2.07
N LEU A 18 -0.21 -9.00 1.90
CA LEU A 18 1.15 -9.49 1.73
C LEU A 18 1.67 -9.56 3.16
N ASN A 19 2.23 -10.70 3.50
CA ASN A 19 2.62 -10.97 4.87
C ASN A 19 4.03 -11.53 4.96
N SER A 20 4.76 -11.09 5.99
CA SER A 20 6.12 -11.54 6.25
C SER A 20 6.31 -11.95 7.72
N GLY A 21 5.26 -12.28 8.43
CA GLY A 21 5.28 -12.42 9.88
C GLY A 21 4.11 -11.61 10.39
N TYR A 22 3.92 -10.42 9.80
CA TYR A 22 2.79 -9.56 10.04
C TYR A 22 2.36 -8.95 8.70
N HIS A 23 1.16 -8.42 8.60
CA HIS A 23 0.64 -7.77 7.40
C HIS A 23 1.43 -6.49 7.21
N PHE A 24 1.97 -6.21 6.02
CA PHE A 24 2.67 -4.95 5.81
C PHE A 24 2.20 -4.19 4.57
N CYS A 25 1.47 -4.78 3.63
CA CYS A 25 0.96 -4.08 2.46
C CYS A 25 -0.22 -4.89 1.92
N GLY A 26 -1.05 -4.32 1.05
CA GLY A 26 -2.13 -5.03 0.38
C GLY A 26 -1.71 -5.37 -1.06
N GLY A 27 -2.66 -5.89 -1.85
CA GLY A 27 -2.46 -6.21 -3.28
C GLY A 27 -3.78 -6.59 -3.94
N SER A 28 -3.74 -6.89 -5.22
CA SER A 28 -4.90 -7.32 -5.98
C SER A 28 -4.63 -8.56 -6.82
N LEU A 29 -5.51 -9.56 -6.80
CA LEU A 29 -5.42 -10.73 -7.67
C LEU A 29 -5.95 -10.38 -9.07
N ILE A 30 -5.14 -10.57 -10.12
CA ILE A 30 -5.59 -10.23 -11.47
C ILE A 30 -5.75 -11.50 -12.33
N ASN A 31 -5.22 -12.63 -11.86
CA ASN A 31 -5.54 -13.94 -12.43
C ASN A 31 -5.03 -15.02 -11.49
N ASP A 32 -5.40 -16.29 -11.66
CA ASP A 32 -4.98 -17.44 -10.85
C ASP A 32 -3.61 -17.49 -10.21
N GLN A 33 -2.59 -16.87 -10.82
CA GLN A 33 -1.24 -16.93 -10.29
C GLN A 33 -0.49 -15.60 -10.18
N TRP A 34 -1.03 -14.43 -10.52
CA TRP A 34 -0.28 -13.20 -10.34
C TRP A 34 -1.01 -12.18 -9.50
N VAL A 35 -0.28 -11.46 -8.65
CA VAL A 35 -0.81 -10.44 -7.78
C VAL A 35 -0.18 -9.11 -8.19
N VAL A 36 -0.87 -7.98 -8.24
CA VAL A 36 -0.23 -6.69 -8.50
C VAL A 36 -0.16 -5.87 -7.20
N SER A 37 0.90 -5.13 -6.97
CA SER A 37 1.04 -4.33 -5.75
C SER A 37 1.99 -3.15 -6.04
N ALA A 38 2.44 -2.45 -5.01
CA ALA A 38 3.30 -1.27 -5.16
C ALA A 38 4.76 -1.72 -5.07
N ALA A 39 5.69 -1.10 -5.79
CA ALA A 39 7.09 -1.49 -5.76
C ALA A 39 7.74 -1.18 -4.41
N HIS A 40 7.30 -0.16 -3.67
CA HIS A 40 7.90 0.08 -2.38
C HIS A 40 7.55 -0.97 -1.34
N CYS A 41 6.76 -1.98 -1.69
CA CYS A 41 6.38 -3.01 -0.73
C CYS A 41 7.26 -4.22 -0.96
N TYR A 42 8.37 -4.06 -1.70
CA TYR A 42 9.30 -5.15 -1.99
C TYR A 42 9.93 -5.67 -0.73
N LYS A 43 9.96 -6.99 -0.59
CA LYS A 43 10.74 -7.73 0.39
C LYS A 43 11.14 -9.02 -0.33
N SER A 44 12.05 -9.86 0.13
CA SER A 44 12.44 -11.07 -0.59
C SER A 44 11.68 -12.33 -0.29
N ARG A 45 11.13 -12.43 0.92
CA ARG A 45 10.20 -13.51 1.25
C ARG A 45 8.85 -12.80 1.40
N ILE A 46 7.87 -13.05 0.54
CA ILE A 46 6.54 -12.52 0.77
C ILE A 46 5.58 -13.69 0.71
N GLN A 47 4.58 -13.75 1.61
CA GLN A 47 3.56 -14.79 1.57
C GLN A 47 2.28 -14.00 1.30
N VAL A 48 1.47 -14.43 0.34
CA VAL A 48 0.23 -13.78 -0.06
C VAL A 48 -0.94 -14.51 0.60
N ARG A 49 -1.81 -13.81 1.29
CA ARG A 49 -2.98 -14.40 1.94
C ARG A 49 -4.22 -13.87 1.24
N LEU A 50 -4.96 -14.82 0.68
CA LEU A 50 -6.18 -14.59 -0.06
C LEU A 50 -7.39 -15.07 0.72
N GLY A 51 -8.55 -14.47 0.50
CA GLY A 51 -9.78 -14.83 1.18
C GLY A 51 -9.85 -14.35 2.62
N GLU A 52 -9.01 -13.41 3.04
CA GLU A 52 -9.00 -12.89 4.41
C GLU A 52 -10.10 -11.88 4.67
N HIS A 53 -10.74 -11.87 5.83
CA HIS A 53 -11.65 -10.79 6.17
C HIS A 53 -11.12 -10.29 7.51
N ASN A 54 -11.01 -11.16 8.52
CA ASN A 54 -10.38 -10.82 9.77
C ASN A 54 -8.96 -11.36 9.71
N ILE A 55 -8.00 -10.43 9.71
CA ILE A 55 -6.60 -10.78 9.47
C ILE A 55 -5.91 -11.52 10.63
N ASN A 56 -6.59 -11.69 11.77
CA ASN A 56 -6.03 -12.21 13.00
C ASN A 56 -6.70 -13.46 13.55
N VAL A 57 -7.72 -13.94 12.82
CA VAL A 57 -8.43 -15.15 13.21
C VAL A 57 -8.38 -16.10 12.04
N LEU A 58 -8.00 -17.38 12.19
CA LEU A 58 -8.15 -18.34 11.09
C LEU A 58 -9.64 -18.61 10.92
N GLU A 59 -10.25 -18.17 9.82
CA GLU A 59 -11.67 -18.28 9.52
C GLU A 59 -12.07 -19.49 8.69
N GLY A 60 -11.15 -20.25 8.10
CA GLY A 60 -11.51 -21.42 7.32
C GLY A 60 -11.60 -21.14 5.82
N ASN A 61 -11.66 -19.89 5.38
CA ASN A 61 -11.82 -19.55 3.97
C ASN A 61 -10.55 -19.19 3.21
N GLU A 62 -9.45 -19.09 3.91
CA GLU A 62 -8.23 -18.51 3.39
C GLU A 62 -7.33 -19.40 2.58
N GLN A 63 -6.56 -18.80 1.68
CA GLN A 63 -5.55 -19.54 0.96
C GLN A 63 -4.27 -18.77 1.21
N PHE A 64 -3.21 -19.49 1.55
CA PHE A 64 -1.89 -18.96 1.85
C PHE A 64 -0.92 -19.48 0.80
N VAL A 65 -0.27 -18.60 0.03
CA VAL A 65 0.61 -19.02 -1.04
C VAL A 65 1.89 -18.20 -0.99
N ASN A 66 3.06 -18.78 -1.19
CA ASN A 66 4.27 -17.98 -1.17
C ASN A 66 4.57 -17.40 -2.51
N ALA A 67 5.19 -16.22 -2.53
CA ALA A 67 5.55 -15.51 -3.74
C ALA A 67 6.75 -16.13 -4.41
N ALA A 68 6.57 -16.73 -5.59
CA ALA A 68 7.69 -17.33 -6.31
C ALA A 68 8.51 -16.29 -7.08
N LYS A 69 7.93 -15.27 -7.74
CA LYS A 69 8.72 -14.23 -8.42
C LYS A 69 8.21 -12.85 -8.08
N ILE A 70 9.08 -11.89 -7.81
CA ILE A 70 8.66 -10.53 -7.47
C ILE A 70 9.37 -9.67 -8.47
N ILE A 71 8.65 -9.02 -9.37
CA ILE A 71 9.24 -8.20 -10.41
C ILE A 71 8.72 -6.78 -10.29
N LYS A 72 9.60 -5.85 -9.93
CA LYS A 72 9.25 -4.44 -9.88
C LYS A 72 9.33 -3.84 -11.26
N HIS A 73 8.74 -2.68 -11.48
CA HIS A 73 8.87 -2.07 -12.78
C HIS A 73 10.32 -1.61 -12.99
N PRO A 74 10.92 -1.79 -14.20
CA PRO A 74 12.33 -1.44 -14.44
C PRO A 74 12.71 0.01 -14.15
N ASN A 75 11.77 0.94 -14.24
CA ASN A 75 12.05 2.34 -14.00
C ASN A 75 11.50 2.93 -12.70
N PHE A 76 11.20 2.08 -11.71
CA PHE A 76 10.79 2.56 -10.40
C PHE A 76 11.95 3.39 -9.87
N ASP A 77 11.58 4.56 -9.39
CA ASP A 77 12.50 5.55 -8.84
C ASP A 77 12.16 5.66 -7.36
N ARG A 78 13.12 5.30 -6.50
CA ARG A 78 12.84 5.27 -5.09
C ARG A 78 12.72 6.66 -4.48
N LYS A 79 13.16 7.72 -5.15
CA LYS A 79 13.01 9.05 -4.58
C LYS A 79 11.72 9.73 -5.02
N THR A 80 11.29 9.68 -6.28
CA THR A 80 10.06 10.35 -6.69
C THR A 80 8.84 9.43 -6.61
N LEU A 81 9.03 8.11 -6.52
CA LEU A 81 7.98 7.08 -6.51
C LEU A 81 7.24 6.99 -7.83
N ASN A 82 7.95 7.45 -8.87
CA ASN A 82 7.44 7.33 -10.23
C ASN A 82 7.52 5.85 -10.59
N ASN A 83 6.49 5.32 -11.25
CA ASN A 83 6.39 3.91 -11.66
C ASN A 83 6.38 2.94 -10.50
N ASP A 84 5.58 3.22 -9.49
CA ASP A 84 5.57 2.39 -8.29
C ASP A 84 4.57 1.24 -8.47
N ILE A 85 5.04 0.11 -9.03
CA ILE A 85 4.18 -1.02 -9.32
C ILE A 85 5.07 -2.24 -9.42
N MET A 86 4.59 -3.38 -8.92
CA MET A 86 5.31 -4.63 -9.05
C MET A 86 4.30 -5.78 -9.17
N LEU A 87 4.78 -6.86 -9.81
CA LEU A 87 4.00 -8.07 -9.96
C LEU A 87 4.59 -9.21 -9.13
N ILE A 88 3.71 -10.01 -8.56
CA ILE A 88 4.10 -11.16 -7.78
C ILE A 88 3.52 -12.41 -8.45
N LYS A 89 4.33 -13.41 -8.74
CA LYS A 89 3.85 -14.67 -9.29
C LYS A 89 3.77 -15.62 -8.11
N LEU A 90 2.60 -16.20 -7.84
CA LEU A 90 2.37 -17.13 -6.75
C LEU A 90 3.01 -18.47 -7.08
N SER A 91 3.44 -19.28 -6.09
CA SER A 91 4.10 -20.53 -6.38
C SER A 91 3.20 -21.57 -7.03
N SER A 92 1.90 -21.40 -6.90
CA SER A 92 0.93 -22.28 -7.49
C SER A 92 -0.31 -21.45 -7.72
N PRO A 93 -1.17 -21.81 -8.65
CA PRO A 93 -2.42 -21.07 -8.77
C PRO A 93 -3.36 -21.26 -7.59
N VAL A 94 -4.13 -20.23 -7.27
CA VAL A 94 -5.09 -20.31 -6.19
C VAL A 94 -6.37 -20.99 -6.70
N LYS A 95 -7.28 -21.35 -5.80
CA LYS A 95 -8.53 -21.90 -6.21
C LYS A 95 -9.54 -20.76 -6.15
N LEU A 96 -10.08 -20.37 -7.30
CA LEU A 96 -11.01 -19.26 -7.39
C LEU A 96 -12.39 -19.68 -6.99
N ASN A 97 -13.15 -18.83 -6.28
CA ASN A 97 -14.50 -19.15 -5.81
C ASN A 97 -15.18 -17.91 -5.27
N ALA A 98 -16.30 -18.03 -4.55
CA ALA A 98 -17.04 -16.89 -4.03
C ALA A 98 -16.23 -15.85 -3.27
N ARG A 99 -15.28 -16.25 -2.45
CA ARG A 99 -14.55 -15.25 -1.75
C ARG A 99 -13.11 -15.03 -2.13
N VAL A 100 -12.64 -15.68 -3.21
CA VAL A 100 -11.33 -15.40 -3.79
C VAL A 100 -11.51 -15.25 -5.31
N ALA A 101 -11.42 -14.03 -5.83
CA ALA A 101 -11.60 -13.79 -7.25
C ALA A 101 -10.64 -12.75 -7.82
N THR A 102 -10.76 -12.51 -9.11
CA THR A 102 -9.92 -11.65 -9.92
C THR A 102 -10.57 -10.29 -10.13
N VAL A 103 -9.79 -9.26 -10.43
CA VAL A 103 -10.33 -7.96 -10.80
C VAL A 103 -9.76 -7.69 -12.20
N ALA A 104 -10.59 -7.05 -13.01
CA ALA A 104 -10.24 -6.68 -14.37
C ALA A 104 -9.29 -5.50 -14.39
N LEU A 105 -8.32 -5.61 -15.30
CA LEU A 105 -7.38 -4.53 -15.59
C LEU A 105 -8.10 -3.45 -16.39
N PRO A 106 -7.64 -2.19 -16.47
CA PRO A 106 -8.43 -1.13 -17.10
C PRO A 106 -8.69 -1.24 -18.59
N SER A 107 -9.85 -0.83 -19.09
CA SER A 107 -10.06 -0.83 -20.50
C SER A 107 -9.56 0.54 -20.98
N SER A 108 -9.55 1.58 -20.15
CA SER A 108 -9.08 2.89 -20.50
C SER A 108 -8.89 3.68 -19.20
N CYS A 109 -8.37 4.91 -19.25
CA CYS A 109 -8.13 5.68 -18.05
C CYS A 109 -9.39 6.39 -17.66
N ALA A 110 -9.89 6.06 -16.47
CA ALA A 110 -11.08 6.67 -15.90
C ALA A 110 -10.94 8.17 -15.73
N PRO A 111 -11.96 8.93 -16.13
CA PRO A 111 -11.90 10.38 -16.02
C PRO A 111 -12.14 10.89 -14.62
N ALA A 112 -11.82 12.18 -14.38
CA ALA A 112 -12.03 12.82 -13.08
C ALA A 112 -13.50 12.77 -12.71
N GLY A 113 -13.81 12.68 -11.43
CA GLY A 113 -15.20 12.56 -11.00
C GLY A 113 -15.70 11.12 -10.92
N THR A 114 -14.95 10.11 -11.35
CA THR A 114 -15.38 8.73 -11.16
C THR A 114 -15.25 8.35 -9.66
N GLN A 115 -16.23 7.56 -9.18
CA GLN A 115 -16.22 7.05 -7.83
C GLN A 115 -15.56 5.70 -7.83
N CYS A 116 -14.66 5.62 -6.87
CA CYS A 116 -13.83 4.48 -6.62
C CYS A 116 -14.09 3.93 -5.24
N LEU A 117 -13.75 2.64 -5.06
CA LEU A 117 -13.80 1.94 -3.79
C LEU A 117 -12.35 1.54 -3.49
N ILE A 118 -11.85 1.97 -2.34
CA ILE A 118 -10.50 1.70 -1.86
C ILE A 118 -10.74 0.83 -0.63
N SER A 119 -9.98 -0.25 -0.45
CA SER A 119 -10.11 -1.12 0.71
C SER A 119 -8.75 -1.47 1.30
N GLY A 120 -8.64 -1.83 2.60
CA GLY A 120 -7.36 -2.19 3.20
C GLY A 120 -7.45 -2.38 4.70
N TRP A 121 -6.43 -2.99 5.28
CA TRP A 121 -6.29 -3.22 6.69
C TRP A 121 -5.27 -2.21 7.23
N GLY A 122 -5.07 -1.01 6.65
CA GLY A 122 -4.10 -0.04 7.15
C GLY A 122 -4.61 0.69 8.37
N ASN A 123 -3.83 1.50 9.04
CA ASN A 123 -4.23 2.25 10.24
C ASN A 123 -5.49 3.09 10.06
N THR A 124 -6.33 3.14 11.09
CA THR A 124 -7.59 3.87 11.03
C THR A 124 -7.68 5.21 11.71
N LEU A 125 -6.61 5.81 12.21
CA LEU A 125 -6.69 7.09 12.90
C LEU A 125 -5.70 8.07 12.30
N SER A 126 -5.93 9.39 12.27
CA SER A 126 -4.92 10.33 11.78
C SER A 126 -3.81 10.59 12.81
N SER A 127 -4.12 10.62 14.11
CA SER A 127 -3.09 10.77 15.13
C SER A 127 -3.18 9.50 15.94
N GLY A 128 -2.09 8.76 16.09
CA GLY A 128 -2.18 7.52 16.85
C GLY A 128 -2.13 6.34 15.91
N VAL A 129 -2.15 5.14 16.45
CA VAL A 129 -2.12 3.95 15.62
C VAL A 129 -3.29 3.09 16.11
N ASN A 130 -4.09 2.50 15.22
CA ASN A 130 -5.13 1.54 15.52
C ASN A 130 -5.25 0.66 14.28
N GLU A 131 -4.80 -0.58 14.32
CA GLU A 131 -4.84 -1.49 13.17
C GLU A 131 -6.11 -2.33 13.16
N PRO A 132 -7.04 -2.13 12.23
CA PRO A 132 -8.29 -2.90 12.27
C PRO A 132 -8.10 -4.41 12.15
N ASP A 133 -9.06 -5.20 12.62
CA ASP A 133 -8.97 -6.65 12.44
C ASP A 133 -9.60 -6.99 11.11
N LEU A 134 -10.63 -6.22 10.81
CA LEU A 134 -11.45 -6.43 9.65
C LEU A 134 -11.16 -5.43 8.54
N LEU A 135 -11.28 -5.93 7.31
CA LEU A 135 -11.08 -5.12 6.12
C LEU A 135 -12.00 -3.88 6.07
N GLN A 136 -11.41 -2.70 5.89
CA GLN A 136 -12.17 -1.47 5.77
C GLN A 136 -12.33 -1.11 4.30
N CYS A 137 -13.30 -0.26 4.00
CA CYS A 137 -13.66 0.15 2.65
C CYS A 137 -13.88 1.65 2.58
N LEU A 138 -13.70 2.29 1.43
CA LEU A 138 -13.88 3.73 1.34
C LEU A 138 -14.34 4.06 -0.07
N ASP A 139 -15.40 4.83 -0.19
CA ASP A 139 -15.90 5.31 -1.46
C ASP A 139 -15.37 6.73 -1.59
N ALA A 140 -14.57 7.01 -2.64
CA ALA A 140 -13.98 8.34 -2.86
C ALA A 140 -13.85 8.62 -4.36
N PRO A 141 -13.71 9.89 -4.80
CA PRO A 141 -13.61 10.23 -6.23
C PRO A 141 -12.21 10.49 -6.75
N LEU A 142 -12.00 10.32 -8.06
CA LEU A 142 -10.75 10.76 -8.65
C LEU A 142 -10.81 12.28 -8.80
N LEU A 143 -9.77 12.97 -8.37
CA LEU A 143 -9.68 14.41 -8.55
C LEU A 143 -9.17 14.84 -9.92
N PRO A 144 -9.57 16.02 -10.45
CA PRO A 144 -8.87 16.68 -11.55
C PRO A 144 -7.37 16.76 -11.31
N GLN A 145 -6.58 16.48 -12.35
CA GLN A 145 -5.12 16.50 -12.27
C GLN A 145 -4.60 17.83 -11.71
N ALA A 146 -5.23 18.95 -12.07
CA ALA A 146 -4.87 20.28 -11.59
C ALA A 146 -4.96 20.38 -10.09
N ASP A 147 -6.02 19.87 -9.48
CA ASP A 147 -6.19 19.91 -8.04
C ASP A 147 -5.12 19.10 -7.36
N CYS A 148 -4.81 17.98 -7.99
CA CYS A 148 -3.78 17.07 -7.51
C CYS A 148 -2.42 17.78 -7.58
N GLU A 149 -2.07 18.36 -8.73
CA GLU A 149 -0.83 19.07 -8.88
C GLU A 149 -0.77 20.23 -7.90
N ALA A 150 -1.82 21.02 -7.75
CA ALA A 150 -1.83 22.13 -6.81
C ALA A 150 -1.64 21.71 -5.38
N SER A 151 -2.14 20.54 -4.94
CA SER A 151 -1.88 20.08 -3.61
C SER A 151 -0.44 19.59 -3.45
N TYR A 152 0.22 18.98 -4.43
CA TYR A 152 1.58 18.54 -4.26
C TYR A 152 2.49 19.10 -5.35
N PRO A 153 2.67 20.44 -5.36
CA PRO A 153 3.30 21.14 -6.48
C PRO A 153 4.63 20.57 -6.94
N GLY A 154 4.86 20.26 -8.21
CA GLY A 154 6.15 19.77 -8.63
C GLY A 154 6.36 18.28 -8.38
N LYS A 155 5.48 17.54 -7.70
CA LYS A 155 5.79 16.14 -7.38
C LYS A 155 4.88 15.11 -8.02
N ILE A 156 3.92 15.48 -8.87
CA ILE A 156 2.98 14.55 -9.47
C ILE A 156 3.48 14.23 -10.89
N THR A 157 3.77 12.98 -11.32
CA THR A 157 4.15 12.71 -12.69
C THR A 157 2.92 12.29 -13.46
N ASP A 158 3.03 11.95 -14.75
CA ASP A 158 1.89 11.46 -15.55
C ASP A 158 1.39 10.09 -15.14
N ASN A 159 2.16 9.46 -14.24
CA ASN A 159 1.88 8.12 -13.75
C ASN A 159 1.18 8.09 -12.40
N MET A 160 0.63 9.22 -11.95
CA MET A 160 0.01 9.33 -10.64
C MET A 160 -1.37 9.96 -10.76
N VAL A 161 -2.30 9.65 -9.85
CA VAL A 161 -3.61 10.25 -9.87
C VAL A 161 -4.02 10.46 -8.40
N CYS A 162 -4.78 11.50 -8.07
CA CYS A 162 -5.14 11.75 -6.70
C CYS A 162 -6.59 11.37 -6.49
N VAL A 163 -6.93 10.79 -5.33
CA VAL A 163 -8.29 10.41 -5.00
C VAL A 163 -8.45 10.96 -3.60
N GLY A 164 -9.67 11.35 -3.26
CA GLY A 164 -9.93 11.80 -1.89
C GLY A 164 -10.79 13.03 -1.79
N PHE A 165 -10.53 13.78 -0.70
CA PHE A 165 -11.33 14.93 -0.31
C PHE A 165 -10.32 15.96 0.19
N LEU A 166 -10.19 17.13 -0.44
CA LEU A 166 -9.30 18.19 0.02
C LEU A 166 -9.63 18.72 1.41
N GLU A 167 -10.79 18.42 1.98
CA GLU A 167 -11.15 18.83 3.34
C GLU A 167 -10.50 17.91 4.36
N GLY A 168 -10.00 16.74 3.98
CA GLY A 168 -9.44 15.82 4.95
C GLY A 168 -10.55 15.03 5.62
N GLY A 169 -10.29 14.35 6.72
CA GLY A 169 -11.33 13.58 7.38
C GLY A 169 -11.39 12.14 6.92
N LYS A 170 -11.03 11.78 5.69
CA LYS A 170 -11.07 10.41 5.19
C LYS A 170 -9.83 10.14 4.33
N GLY A 171 -9.31 8.92 4.21
CA GLY A 171 -8.19 8.70 3.31
C GLY A 171 -7.49 7.40 3.64
N SER A 172 -6.69 6.83 2.75
CA SER A 172 -5.91 5.65 3.10
C SER A 172 -4.75 5.98 4.06
N CYS A 173 -4.06 5.04 4.69
CA CYS A 173 -3.04 5.36 5.67
C CYS A 173 -2.03 4.21 5.68
N GLN A 174 -1.04 4.19 6.57
CA GLN A 174 -0.02 3.15 6.59
C GLN A 174 -0.61 1.75 6.69
N GLY A 175 -0.13 0.80 5.90
CA GLY A 175 -0.64 -0.55 5.89
C GLY A 175 -1.61 -0.76 4.75
N ASP A 176 -1.94 0.31 4.02
CA ASP A 176 -2.85 0.22 2.90
C ASP A 176 -2.18 0.20 1.55
N SER A 177 -0.88 0.56 1.47
CA SER A 177 -0.12 0.53 0.23
C SER A 177 -0.26 -0.78 -0.50
N GLY A 178 -0.28 -0.73 -1.83
CA GLY A 178 -0.37 -1.92 -2.64
C GLY A 178 -1.80 -2.28 -2.92
N GLY A 179 -2.72 -1.73 -2.14
CA GLY A 179 -4.10 -2.07 -2.20
C GLY A 179 -4.82 -1.57 -3.43
N PRO A 180 -6.00 -2.14 -3.62
CA PRO A 180 -6.80 -1.81 -4.80
C PRO A 180 -7.63 -0.51 -4.76
N VAL A 181 -7.66 0.23 -5.86
CA VAL A 181 -8.57 1.36 -6.02
C VAL A 181 -9.40 0.97 -7.24
N VAL A 182 -10.62 0.49 -7.10
CA VAL A 182 -11.36 -0.03 -8.23
C VAL A 182 -12.47 0.95 -8.55
N CYS A 183 -12.54 1.37 -9.82
CA CYS A 183 -13.53 2.32 -10.27
C CYS A 183 -14.18 1.68 -11.47
N ASN A 184 -15.49 1.52 -11.38
CA ASN A 184 -16.36 0.90 -12.38
C ASN A 184 -15.96 -0.53 -12.73
N GLY A 185 -15.66 -1.24 -11.64
CA GLY A 185 -15.28 -2.62 -11.80
C GLY A 185 -13.92 -2.85 -12.42
N GLU A 186 -13.05 -1.84 -12.59
CA GLU A 186 -11.72 -2.03 -13.17
C GLU A 186 -10.73 -1.49 -12.16
N LEU A 187 -9.51 -2.08 -12.10
CA LEU A 187 -8.44 -1.62 -11.21
C LEU A 187 -7.83 -0.35 -11.77
N GLN A 188 -8.10 0.81 -11.19
CA GLN A 188 -7.55 2.02 -11.75
C GLN A 188 -6.32 2.52 -11.02
N GLY A 189 -6.11 2.14 -9.77
CA GLY A 189 -5.01 2.67 -9.00
C GLY A 189 -4.53 1.68 -7.97
N ILE A 190 -3.31 1.98 -7.51
CA ILE A 190 -2.65 1.22 -6.46
C ILE A 190 -2.29 2.25 -5.38
N VAL A 191 -2.64 2.03 -4.11
CA VAL A 191 -2.27 2.94 -3.02
C VAL A 191 -0.75 3.06 -2.91
N SER A 192 -0.28 4.29 -2.92
CA SER A 192 1.13 4.59 -2.89
C SER A 192 1.52 5.59 -1.78
N TRP A 193 1.19 6.88 -1.86
CA TRP A 193 1.64 7.88 -0.88
C TRP A 193 0.69 9.07 -0.66
N GLY A 194 1.02 9.88 0.34
CA GLY A 194 0.30 11.10 0.69
C GLY A 194 1.02 11.73 1.89
N TYR A 195 0.75 12.96 2.34
CA TYR A 195 1.39 13.46 3.58
C TYR A 195 0.38 13.30 4.71
N GLY A 196 0.79 12.65 5.79
CA GLY A 196 -0.09 12.32 6.90
C GLY A 196 -1.20 11.38 6.43
N CYS A 197 -2.24 11.29 7.22
CA CYS A 197 -3.40 10.51 6.87
C CYS A 197 -4.60 11.38 7.21
N ALA A 198 -5.32 11.65 6.12
CA ALA A 198 -6.58 12.36 6.05
C ALA A 198 -6.49 13.82 6.49
N LEU A 199 -5.32 14.40 6.26
CA LEU A 199 -5.06 15.78 6.58
C LEU A 199 -5.63 16.69 5.48
N PRO A 200 -6.09 17.90 5.81
CA PRO A 200 -6.59 18.78 4.77
C PRO A 200 -5.54 19.08 3.71
N ASP A 201 -5.99 19.16 2.47
CA ASP A 201 -5.16 19.51 1.34
C ASP A 201 -3.92 18.69 1.06
N ASN A 202 -4.07 17.39 1.42
CA ASN A 202 -3.07 16.36 1.24
C ASN A 202 -3.85 15.08 0.87
N PRO A 203 -4.41 14.99 -0.34
CA PRO A 203 -5.12 13.78 -0.75
C PRO A 203 -4.24 12.55 -1.04
N ASP A 204 -4.87 11.44 -1.36
CA ASP A 204 -4.16 10.20 -1.61
C ASP A 204 -3.64 10.21 -3.03
N VAL A 205 -2.43 9.75 -3.33
CA VAL A 205 -2.04 9.65 -4.72
C VAL A 205 -1.68 8.19 -4.97
N TYR A 206 -2.08 7.78 -6.17
CA TYR A 206 -2.03 6.39 -6.58
C TYR A 206 -1.28 6.23 -7.88
N THR A 207 -0.72 5.04 -8.08
CA THR A 207 -0.10 4.72 -9.36
C THR A 207 -1.24 4.54 -10.38
N LYS A 208 -1.19 5.28 -11.49
CA LYS A 208 -2.18 5.23 -12.56
C LYS A 208 -2.05 3.92 -13.34
N VAL A 209 -2.78 2.85 -12.97
CA VAL A 209 -2.60 1.54 -13.58
C VAL A 209 -2.88 1.50 -15.08
N CYS A 210 -3.73 2.35 -15.64
CA CYS A 210 -4.05 2.25 -17.06
C CYS A 210 -2.85 2.51 -17.93
N ASN A 211 -1.79 3.11 -17.40
CA ASN A 211 -0.59 3.35 -18.17
C ASN A 211 0.30 2.12 -18.20
N TYR A 212 -0.05 1.04 -17.49
CA TYR A 212 0.80 -0.13 -17.36
C TYR A 212 0.26 -1.44 -17.90
N VAL A 213 -0.92 -1.38 -18.56
CA VAL A 213 -1.58 -2.61 -19.02
C VAL A 213 -0.75 -3.39 -20.02
N ASP A 214 -0.09 -2.82 -21.03
CA ASP A 214 0.80 -3.58 -21.89
C ASP A 214 2.03 -4.12 -21.15
N TRP A 215 2.63 -3.37 -20.21
CA TRP A 215 3.72 -3.86 -19.38
C TRP A 215 3.27 -5.10 -18.61
N ILE A 216 2.13 -5.06 -17.91
CA ILE A 216 1.65 -6.19 -17.11
C ILE A 216 1.48 -7.38 -18.05
N GLN A 217 0.70 -7.20 -19.12
CA GLN A 217 0.40 -8.25 -20.07
C GLN A 217 1.63 -8.92 -20.65
N ASP A 218 2.60 -8.12 -21.07
CA ASP A 218 3.83 -8.62 -21.64
C ASP A 218 4.68 -9.32 -20.59
N THR A 219 4.69 -8.85 -19.34
CA THR A 219 5.45 -9.49 -18.29
C THR A 219 4.81 -10.82 -17.91
N ILE A 220 3.49 -10.99 -17.89
CA ILE A 220 2.87 -12.28 -17.58
C ILE A 220 3.36 -13.21 -18.66
N ALA A 221 3.23 -12.79 -19.94
CA ALA A 221 3.61 -13.61 -21.08
C ALA A 221 5.03 -14.14 -21.04
N ALA A 222 5.99 -13.29 -20.72
CA ALA A 222 7.38 -13.67 -20.71
C ALA A 222 7.78 -14.54 -19.53
N ASN A 223 6.88 -14.73 -18.55
CA ASN A 223 7.22 -15.57 -17.42
C ASN A 223 6.17 -15.96 -16.41
N VAL B 1 26.25 6.18 15.77
CA VAL B 1 27.27 7.12 15.35
C VAL B 1 26.71 8.58 15.44
N ARG B 2 26.03 8.82 16.56
CA ARG B 2 25.44 10.10 17.00
C ARG B 2 24.70 11.09 16.12
N GLU B 3 25.15 11.82 15.09
CA GLU B 3 24.26 12.74 14.33
C GLU B 3 22.97 12.05 13.84
N VAL B 4 23.08 10.80 13.32
CA VAL B 4 21.94 9.97 12.93
C VAL B 4 20.96 9.74 14.08
N CYS B 5 21.49 9.41 15.25
CA CYS B 5 20.76 9.11 16.45
C CYS B 5 20.02 10.29 17.05
N SER B 6 20.21 11.55 16.63
CA SER B 6 19.44 12.64 17.18
C SER B 6 18.21 12.98 16.33
N GLU B 7 18.16 12.47 15.10
CA GLU B 7 17.07 12.78 14.22
C GLU B 7 15.79 12.17 14.74
N GLN B 8 14.73 12.97 14.64
CA GLN B 8 13.39 12.56 15.01
C GLN B 8 12.92 11.42 14.12
N ALA B 9 12.19 10.47 14.68
CA ALA B 9 11.64 9.33 13.95
C ALA B 9 10.72 9.83 12.85
N GLU B 10 10.71 9.26 11.65
CA GLU B 10 9.81 9.68 10.59
C GLU B 10 9.27 8.50 9.83
N THR B 11 7.96 8.47 9.63
CA THR B 11 7.28 7.43 8.89
C THR B 11 7.57 7.56 7.41
N GLY B 12 7.75 8.80 6.91
CA GLY B 12 7.92 9.05 5.48
C GLY B 12 6.54 9.17 4.84
N PRO B 13 6.38 9.41 3.53
CA PRO B 13 5.04 9.52 2.92
C PRO B 13 4.40 8.23 2.41
N CYS B 14 5.12 7.13 2.35
CA CYS B 14 4.60 5.91 1.82
C CYS B 14 3.72 5.22 2.83
N ARG B 15 2.81 4.40 2.34
CA ARG B 15 1.86 3.79 3.23
C ARG B 15 1.91 2.27 3.50
N ALA B 16 3.12 1.71 3.58
CA ALA B 16 3.34 0.35 4.06
C ALA B 16 3.40 0.44 5.59
N MET B 17 3.40 -0.70 6.25
CA MET B 17 3.46 -0.73 7.69
C MET B 17 4.64 -1.57 8.15
N ILE B 18 5.85 -1.02 8.21
CA ILE B 18 7.03 -1.79 8.61
C ILE B 18 7.48 -1.41 10.00
N SER B 19 7.54 -2.33 10.95
CA SER B 19 8.04 -1.99 12.26
C SER B 19 9.56 -1.84 12.16
N ARG B 20 9.99 -0.70 12.70
CA ARG B 20 11.39 -0.36 12.76
C ARG B 20 11.68 0.17 14.14
N TRP B 21 12.96 0.41 14.44
CA TRP B 21 13.43 0.95 15.70
C TRP B 21 14.20 2.23 15.41
N TYR B 22 14.06 3.20 16.29
CA TYR B 22 14.81 4.44 16.19
C TYR B 22 15.46 4.74 17.54
N PHE B 23 16.53 5.50 17.66
CA PHE B 23 17.05 5.89 18.96
C PHE B 23 16.34 7.14 19.47
N ASP B 24 15.92 7.12 20.73
CA ASP B 24 15.34 8.29 21.34
C ASP B 24 16.40 8.98 22.21
N VAL B 25 16.82 10.22 21.88
CA VAL B 25 17.83 10.95 22.65
C VAL B 25 17.47 11.42 24.06
N THR B 26 16.22 11.68 24.41
CA THR B 26 15.93 12.12 25.77
C THR B 26 15.98 10.93 26.74
N GLU B 27 15.34 9.85 26.31
CA GLU B 27 15.31 8.65 27.09
C GLU B 27 16.53 7.76 26.94
N GLY B 28 17.52 8.09 26.09
CA GLY B 28 18.74 7.30 25.89
C GLY B 28 18.54 5.84 25.44
N LYS B 29 17.48 5.54 24.67
CA LYS B 29 17.16 4.16 24.30
C LYS B 29 16.36 4.02 23.01
N CYS B 30 16.64 2.96 22.26
CA CYS B 30 15.94 2.64 21.03
C CYS B 30 14.50 2.29 21.33
N ALA B 31 13.55 2.91 20.62
CA ALA B 31 12.12 2.65 20.78
C ALA B 31 11.54 2.20 19.44
N PRO B 32 10.43 1.46 19.40
CA PRO B 32 9.85 1.04 18.13
C PRO B 32 8.94 2.07 17.46
N PHE B 33 8.85 2.00 16.13
CA PHE B 33 7.98 2.88 15.39
C PHE B 33 7.59 2.21 14.09
N PHE B 34 6.65 2.83 13.36
CA PHE B 34 6.23 2.32 12.07
C PHE B 34 6.68 3.22 10.95
N TYR B 35 7.42 2.60 10.04
CA TYR B 35 7.97 3.23 8.87
C TYR B 35 7.12 2.88 7.63
N GLY B 36 6.83 3.85 6.78
CA GLY B 36 6.00 3.66 5.59
C GLY B 36 6.71 3.07 4.37
N GLY B 37 8.03 2.90 4.33
CA GLY B 37 8.67 2.26 3.21
C GLY B 37 9.44 3.18 2.27
N CYS B 38 9.38 4.50 2.36
CA CYS B 38 10.24 5.32 1.50
C CYS B 38 10.53 6.61 2.26
N GLY B 39 11.52 7.40 1.89
CA GLY B 39 11.83 8.61 2.62
C GLY B 39 12.27 8.34 4.05
N GLY B 40 11.88 9.25 4.95
CA GLY B 40 12.27 9.10 6.35
C GLY B 40 13.73 9.51 6.50
N ASN B 41 14.54 8.90 7.35
CA ASN B 41 15.90 9.37 7.57
C ASN B 41 16.73 8.24 8.17
N ARG B 42 17.92 8.57 8.65
CA ARG B 42 18.86 7.56 9.10
C ARG B 42 18.55 6.95 10.45
N ASN B 43 17.77 7.55 11.32
CA ASN B 43 17.50 6.95 12.61
C ASN B 43 16.37 5.95 12.38
N ASN B 44 16.74 4.83 11.75
CA ASN B 44 15.80 3.84 11.24
C ASN B 44 16.58 2.55 11.12
N PHE B 45 16.48 1.71 12.14
CA PHE B 45 17.22 0.48 12.21
C PHE B 45 16.21 -0.65 12.29
N ASP B 46 16.57 -1.79 11.71
CA ASP B 46 15.75 -3.01 11.66
C ASP B 46 15.64 -3.78 12.96
N THR B 47 16.53 -3.62 13.92
CA THR B 47 16.40 -4.32 15.19
C THR B 47 16.84 -3.43 16.34
N GLU B 48 16.45 -3.81 17.56
CA GLU B 48 16.85 -3.14 18.78
C GLU B 48 18.35 -3.29 18.95
N GLU B 49 18.83 -4.53 18.83
CA GLU B 49 20.25 -4.81 18.98
C GLU B 49 21.09 -3.92 18.08
N TYR B 50 20.78 -3.83 16.79
CA TYR B 50 21.55 -2.99 15.85
C TYR B 50 21.41 -1.50 16.17
N CYS B 51 20.22 -1.05 16.58
CA CYS B 51 19.99 0.33 16.99
C CYS B 51 20.86 0.69 18.19
N MET B 52 20.77 -0.02 19.34
CA MET B 52 21.63 0.21 20.49
C MET B 52 23.11 0.06 20.11
N ALA B 53 23.45 -0.84 19.20
CA ALA B 53 24.82 -0.99 18.74
C ALA B 53 25.31 0.23 17.98
N VAL B 54 24.46 1.02 17.31
CA VAL B 54 24.91 2.21 16.61
C VAL B 54 24.89 3.42 17.51
N CYS B 55 23.77 3.58 18.22
CA CYS B 55 23.46 4.80 18.95
C CYS B 55 23.61 4.75 20.44
N GLY B 56 23.49 3.55 20.97
CA GLY B 56 23.69 3.34 22.39
C GLY B 56 25.18 3.07 22.61
#